data_6SX6
#
_entry.id   6SX6
#
_entity_poly.entity_id   1
_entity_poly.type   'polydeoxyribonucleotide'
_entity_poly.pdbx_seq_one_letter_code
;(DG)(DC)(DG)(DG)(DA)(DG)(DG)(DG)(DG)(DA)(DG)(DG)
;
_entity_poly.pdbx_strand_id   A,B
#
loop_
_chem_comp.id
_chem_comp.type
_chem_comp.name
_chem_comp.formula
DA DNA linking 2'-DEOXYADENOSINE-5'-MONOPHOSPHATE 'C10 H14 N5 O6 P'
DC DNA linking 2'-DEOXYCYTIDINE-5'-MONOPHOSPHATE 'C9 H14 N3 O7 P'
DG DNA linking 2'-DEOXYGUANOSINE-5'-MONOPHOSPHATE 'C10 H14 N5 O7 P'
#